data_5EQG
#
_entry.id   5EQG
#
_cell.length_a   121.338
_cell.length_b   102.497
_cell.length_c   68.162
_cell.angle_alpha   90.00
_cell.angle_beta   99.55
_cell.angle_gamma   90.00
#
_symmetry.space_group_name_H-M   'C 1 2 1'
#
loop_
_entity.id
_entity.type
_entity.pdbx_description
1 polymer 'Solute carrier family 2, facilitated glucose transporter member 1'
2 non-polymer (2~{S})-3-(4-fluorophenyl)-2-[2-(3-hydroxyphenyl)ethanoylamino]-~{N}-[(1~{S})-1-phenylethyl]propanamide
#
_entity_poly.entity_id   1
_entity_poly.type   'polypeptide(L)'
_entity_poly.pdbx_seq_one_letter_code
;MEPSSKKLTGRLMLAVGGAVLGSLQFGYNTGVINAPQKVIEEFYNQTWVHRYGESILPTTLTTLWSLSVAIFSVGGMIGS
FSVGLFVNRFGRRNSMLMMNLLAFVSAVLMGFSKLGKSFEMLILGRFIIGVYCGLTTGFVPMYVGEVSPTALRGALGTLH
QLGIVVGILIAQVFGLDSIMGNKDLWPLLLSIIFIPALLQCIVLPFCPESPRFLLINRNEENRAKSVLKKLRGTADVTHD
LQEMKEESRQMMREKKVTILELFRSPAYRQPILIAVVLQLSQQLSGINAVFYYSTSIFEKAGVQQPVYATIGSGIVNTAF
TVVSLFVVERAGRRTLHLIGLAGMAGCAILMTIALALLEQLPWMSYLSIVAIFGFVAFFEVGPGPIPWFIVAELFSQGPR
PAAIAVAGFSNWTSNFIVGMCFQYVEQLCGPYVFIIFTVLLVLFFIFTYFKVPETKGRTFDEIASGFRQGGASQSDKTPE
ELFHPLGADSQV
;
_entity_poly.pdbx_strand_id   A
#
loop_
_chem_comp.id
_chem_comp.type
_chem_comp.name
_chem_comp.formula
5RE non-polymer (2~{S})-3-(4-fluorophenyl)-2-[2-(3-hydroxyphenyl)ethanoylamino]-~{N}-[(1~{S})-1-phenylethyl]propanamide 'C25 H25 F N2 O3'
#
# COMPACT_ATOMS: atom_id res chain seq x y z
N THR A 9 7.64 -18.33 -21.68
CA THR A 9 7.59 -17.73 -20.35
C THR A 9 8.98 -17.63 -19.75
N GLY A 10 9.95 -17.20 -20.56
CA GLY A 10 11.30 -16.94 -20.09
C GLY A 10 11.57 -15.45 -20.06
N ARG A 11 11.23 -14.78 -21.16
CA ARG A 11 11.25 -13.31 -21.18
C ARG A 11 10.11 -12.74 -20.36
N LEU A 12 9.04 -13.52 -20.15
CA LEU A 12 7.94 -13.07 -19.29
C LEU A 12 8.44 -12.71 -17.90
N MET A 13 9.40 -13.48 -17.37
CA MET A 13 9.93 -13.20 -16.04
C MET A 13 10.52 -11.80 -15.97
N LEU A 14 11.37 -11.45 -16.94
CA LEU A 14 12.00 -10.12 -16.93
C LEU A 14 10.95 -9.02 -16.92
N ALA A 15 9.90 -9.17 -17.73
CA ALA A 15 8.85 -8.14 -17.79
C ALA A 15 8.16 -8.00 -16.45
N VAL A 16 7.88 -9.11 -15.77
CA VAL A 16 7.25 -9.06 -14.46
C VAL A 16 8.22 -8.56 -13.41
N GLY A 17 9.42 -9.15 -13.36
CA GLY A 17 10.40 -8.75 -12.38
C GLY A 17 10.70 -7.26 -12.42
N GLY A 18 10.74 -6.70 -13.62
CA GLY A 18 10.95 -5.26 -13.74
C GLY A 18 9.76 -4.45 -13.28
N ALA A 19 8.56 -5.04 -13.34
CA ALA A 19 7.37 -4.31 -12.93
C ALA A 19 7.19 -4.33 -11.42
N VAL A 20 7.45 -5.47 -10.78
CA VAL A 20 7.26 -5.60 -9.34
C VAL A 20 8.23 -4.71 -8.57
N LEU A 21 9.34 -4.30 -9.20
CA LEU A 21 10.23 -3.35 -8.53
C LEU A 21 9.48 -2.12 -8.06
N GLY A 22 8.43 -1.71 -8.78
CA GLY A 22 7.62 -0.60 -8.31
C GLY A 22 6.83 -0.95 -7.06
N SER A 23 6.31 -2.18 -6.98
CA SER A 23 5.54 -2.58 -5.82
C SER A 23 6.42 -2.86 -4.61
N LEU A 24 7.69 -3.23 -4.84
CA LEU A 24 8.63 -3.30 -3.73
C LEU A 24 8.86 -1.90 -3.15
N GLN A 25 9.14 -0.93 -4.02
CA GLN A 25 9.30 0.45 -3.56
C GLN A 25 8.03 0.94 -2.85
N PHE A 26 6.86 0.51 -3.32
CA PHE A 26 5.62 0.85 -2.62
C PHE A 26 5.67 0.40 -1.16
N GLY A 27 6.05 -0.85 -0.93
CA GLY A 27 6.15 -1.34 0.43
C GLY A 27 7.27 -0.70 1.21
N TYR A 28 8.43 -0.51 0.58
CA TYR A 28 9.55 0.11 1.28
C TYR A 28 9.20 1.50 1.76
N ASN A 29 8.57 2.31 0.89
CA ASN A 29 8.20 3.67 1.26
C ASN A 29 7.07 3.71 2.28
N THR A 30 6.27 2.64 2.38
CA THR A 30 5.19 2.61 3.36
C THR A 30 5.71 2.46 4.78
N GLY A 31 6.89 1.86 4.96
CA GLY A 31 7.35 1.52 6.29
C GLY A 31 8.80 1.86 6.60
N VAL A 32 9.38 2.84 5.89
CA VAL A 32 10.69 3.34 6.29
C VAL A 32 10.59 4.29 7.47
N ILE A 33 9.41 4.88 7.69
CA ILE A 33 9.25 5.95 8.68
C ILE A 33 8.78 5.36 10.00
N ASN A 34 9.06 4.08 10.20
CA ASN A 34 8.64 3.38 11.42
C ASN A 34 9.77 3.35 12.43
N ALA A 35 10.79 2.56 12.15
CA ALA A 35 11.91 2.42 13.08
C ALA A 35 12.64 3.74 13.32
N PRO A 36 12.97 4.54 12.30
CA PRO A 36 13.81 5.72 12.54
C PRO A 36 13.06 6.95 13.00
N GLN A 37 11.88 6.77 13.58
CA GLN A 37 11.10 7.93 14.05
C GLN A 37 11.89 8.73 15.08
N LYS A 38 12.52 8.05 16.03
CA LYS A 38 13.20 8.75 17.12
C LYS A 38 14.32 9.64 16.58
N VAL A 39 15.09 9.14 15.62
CA VAL A 39 16.26 9.88 15.16
C VAL A 39 15.85 11.07 14.29
N ILE A 40 14.89 10.87 13.38
CA ILE A 40 14.46 11.98 12.53
C ILE A 40 13.77 13.05 13.36
N GLU A 41 13.03 12.64 14.40
CA GLU A 41 12.42 13.62 15.29
C GLU A 41 13.49 14.42 16.02
N GLU A 42 14.59 13.79 16.40
CA GLU A 42 15.71 14.52 17.00
C GLU A 42 16.26 15.53 16.01
N PHE A 43 16.39 15.13 14.74
CA PHE A 43 16.79 16.09 13.71
C PHE A 43 15.79 17.23 13.59
N TYR A 44 14.50 16.95 13.78
CA TYR A 44 13.49 18.01 13.71
C TYR A 44 13.72 19.05 14.80
N ASN A 45 13.97 18.58 16.03
CA ASN A 45 14.22 19.52 17.14
C ASN A 45 15.54 20.24 16.96
N GLN A 46 16.59 19.51 16.54
CA GLN A 46 17.88 20.14 16.31
C GLN A 46 17.77 21.23 15.25
N THR A 47 17.02 20.97 14.18
CA THR A 47 16.79 22.00 13.17
C THR A 47 16.00 23.16 13.73
N TRP A 48 14.94 22.87 14.50
CA TRP A 48 14.15 23.93 15.12
C TRP A 48 15.01 24.79 16.03
N VAL A 49 15.98 24.17 16.72
CA VAL A 49 16.91 24.93 17.55
C VAL A 49 17.72 25.89 16.70
N HIS A 50 18.43 25.36 15.71
CA HIS A 50 19.31 26.18 14.88
C HIS A 50 18.59 27.38 14.28
N ARG A 51 17.29 27.25 14.01
CA ARG A 51 16.56 28.31 13.32
C ARG A 51 16.10 29.40 14.26
N TYR A 52 15.49 29.02 15.40
CA TYR A 52 14.80 29.97 16.26
C TYR A 52 15.35 30.01 17.68
N GLY A 53 16.53 29.44 17.93
CA GLY A 53 17.07 29.39 19.27
C GLY A 53 16.01 28.96 20.27
N GLU A 54 15.50 27.74 20.10
CA GLU A 54 14.32 27.30 20.82
C GLU A 54 14.18 25.80 20.63
N SER A 55 13.87 25.10 21.71
CA SER A 55 13.51 23.68 21.62
C SER A 55 12.08 23.55 21.13
N ILE A 56 11.87 22.65 20.17
CA ILE A 56 10.57 22.54 19.52
C ILE A 56 9.52 22.15 20.55
N LEU A 57 8.31 22.68 20.36
CA LEU A 57 7.20 22.33 21.25
C LEU A 57 6.78 20.88 21.01
N PRO A 58 6.60 20.07 22.06
CA PRO A 58 6.29 18.65 21.83
C PRO A 58 5.03 18.41 21.04
N THR A 59 4.06 19.34 21.08
CA THR A 59 2.85 19.15 20.30
C THR A 59 3.06 19.44 18.82
N THR A 60 3.92 20.42 18.51
CA THR A 60 4.26 20.68 17.11
C THR A 60 5.12 19.57 16.54
N LEU A 61 6.14 19.14 17.30
CA LEU A 61 6.95 18.01 16.89
C LEU A 61 6.10 16.77 16.60
N THR A 62 4.89 16.70 17.18
CA THR A 62 3.99 15.60 16.90
C THR A 62 3.25 15.81 15.57
N THR A 63 2.54 16.93 15.45
CA THR A 63 1.80 17.21 14.22
C THR A 63 2.74 17.31 13.02
N LEU A 64 3.99 17.73 13.25
CA LEU A 64 4.92 17.88 12.14
C LEU A 64 5.39 16.53 11.62
N TRP A 65 5.82 15.65 12.52
CA TRP A 65 6.22 14.31 12.10
C TRP A 65 5.03 13.52 11.57
N SER A 66 3.84 13.74 12.15
CA SER A 66 2.64 13.12 11.60
C SER A 66 2.40 13.59 10.17
N LEU A 67 2.61 14.88 9.90
CA LEU A 67 2.50 15.39 8.54
C LEU A 67 3.56 14.76 7.65
N SER A 68 4.73 14.42 8.22
CA SER A 68 5.80 13.85 7.41
C SER A 68 5.41 12.48 6.84
N VAL A 69 4.68 11.68 7.61
CA VAL A 69 4.24 10.38 7.12
C VAL A 69 2.91 10.50 6.37
N ALA A 70 2.03 11.38 6.84
CA ALA A 70 0.68 11.43 6.30
C ALA A 70 0.64 12.05 4.91
N ILE A 71 1.51 13.04 4.65
CA ILE A 71 1.49 13.70 3.35
C ILE A 71 1.74 12.68 2.23
N PHE A 72 2.42 11.59 2.55
CA PHE A 72 2.59 10.50 1.59
C PHE A 72 1.25 10.00 1.08
N SER A 73 0.28 9.83 1.98
CA SER A 73 -1.03 9.34 1.57
C SER A 73 -1.74 10.35 0.67
N VAL A 74 -1.60 11.65 0.95
CA VAL A 74 -2.13 12.68 0.06
C VAL A 74 -1.62 12.45 -1.35
N GLY A 75 -0.30 12.26 -1.49
CA GLY A 75 0.27 12.01 -2.80
C GLY A 75 -0.30 10.79 -3.46
N GLY A 76 -0.40 9.69 -2.72
CA GLY A 76 -0.95 8.46 -3.28
C GLY A 76 -2.31 8.66 -3.91
N MET A 77 -3.14 9.50 -3.29
CA MET A 77 -4.45 9.82 -3.85
C MET A 77 -4.32 10.44 -5.23
N ILE A 78 -3.56 11.54 -5.32
CA ILE A 78 -3.33 12.18 -6.61
C ILE A 78 -2.74 11.20 -7.60
N GLY A 79 -1.79 10.38 -7.15
CA GLY A 79 -1.20 9.37 -8.01
C GLY A 79 -2.23 8.41 -8.56
N SER A 80 -2.99 7.77 -7.67
CA SER A 80 -4.03 6.84 -8.11
C SER A 80 -5.07 7.52 -8.99
N PHE A 81 -5.25 8.83 -8.85
CA PHE A 81 -6.17 9.55 -9.73
C PHE A 81 -5.61 9.66 -11.15
N SER A 82 -4.30 9.73 -11.29
CA SER A 82 -3.67 10.04 -12.57
C SER A 82 -3.27 8.81 -13.35
N VAL A 83 -3.54 7.60 -12.85
CA VAL A 83 -3.08 6.38 -13.53
C VAL A 83 -3.52 6.39 -14.99
N GLY A 84 -4.83 6.56 -15.22
CA GLY A 84 -5.35 6.44 -16.58
C GLY A 84 -4.80 7.50 -17.52
N LEU A 85 -4.54 8.69 -16.98
CA LEU A 85 -3.97 9.77 -17.80
C LEU A 85 -2.71 9.30 -18.51
N PHE A 86 -1.75 8.76 -17.76
CA PHE A 86 -0.48 8.34 -18.34
C PHE A 86 -0.57 6.99 -19.03
N VAL A 87 -1.39 6.07 -18.51
CA VAL A 87 -1.30 4.68 -18.92
C VAL A 87 -1.79 4.51 -20.36
N ASN A 88 -2.83 5.24 -20.76
CA ASN A 88 -3.38 5.10 -22.10
C ASN A 88 -2.71 6.05 -23.10
N ARG A 89 -2.17 7.17 -22.63
CA ARG A 89 -1.55 8.14 -23.52
C ARG A 89 -0.13 7.74 -23.88
N PHE A 90 0.64 7.23 -22.90
CA PHE A 90 2.04 6.88 -23.09
C PHE A 90 2.30 5.39 -23.04
N GLY A 91 1.31 4.57 -22.72
CA GLY A 91 1.52 3.15 -22.54
C GLY A 91 1.88 2.78 -21.11
N ARG A 92 1.85 1.49 -20.85
CA ARG A 92 2.09 0.99 -19.50
C ARG A 92 3.59 0.99 -19.18
N ARG A 93 4.38 0.35 -20.03
CA ARG A 93 5.82 0.24 -19.78
C ARG A 93 6.47 1.62 -19.69
N ASN A 94 6.21 2.47 -20.68
CA ASN A 94 6.87 3.78 -20.73
C ASN A 94 6.47 4.65 -19.53
N SER A 95 5.25 4.49 -19.03
CA SER A 95 4.83 5.24 -17.85
C SER A 95 5.66 4.85 -16.63
N MET A 96 5.75 3.56 -16.35
CA MET A 96 6.56 3.09 -15.23
C MET A 96 8.00 3.58 -15.35
N LEU A 97 8.50 3.72 -16.57
CA LEU A 97 9.89 4.11 -16.77
C LEU A 97 10.08 5.60 -16.46
N MET A 98 9.23 6.46 -17.04
CA MET A 98 9.40 7.90 -16.85
C MET A 98 9.13 8.30 -15.41
N MET A 99 8.16 7.64 -14.76
CA MET A 99 7.81 8.01 -13.40
C MET A 99 8.87 7.61 -12.38
N ASN A 100 9.92 6.90 -12.80
CA ASN A 100 11.08 6.76 -11.94
C ASN A 100 11.73 8.11 -11.66
N LEU A 101 11.39 9.13 -12.45
CA LEU A 101 11.85 10.48 -12.15
C LEU A 101 11.43 10.91 -10.76
N LEU A 102 10.15 10.73 -10.42
CA LEU A 102 9.68 11.11 -9.09
C LEU A 102 10.49 10.43 -8.00
N ALA A 103 10.81 9.15 -8.18
CA ALA A 103 11.61 8.44 -7.19
C ALA A 103 12.99 9.10 -7.04
N PHE A 104 13.62 9.44 -8.16
CA PHE A 104 14.95 10.06 -8.09
C PHE A 104 14.88 11.45 -7.50
N VAL A 105 13.87 12.24 -7.90
CA VAL A 105 13.66 13.55 -7.28
C VAL A 105 13.40 13.39 -5.79
N SER A 106 12.54 12.43 -5.44
CA SER A 106 12.23 12.18 -4.04
C SER A 106 13.48 11.81 -3.25
N ALA A 107 14.24 10.82 -3.73
CA ALA A 107 15.41 10.36 -2.99
C ALA A 107 16.37 11.49 -2.71
N VAL A 108 16.57 12.40 -3.67
CA VAL A 108 17.47 13.52 -3.46
C VAL A 108 16.93 14.44 -2.36
N LEU A 109 15.65 14.79 -2.45
CA LEU A 109 15.06 15.70 -1.47
C LEU A 109 15.19 15.14 -0.05
N MET A 110 14.85 13.86 0.12
CA MET A 110 14.92 13.26 1.46
C MET A 110 16.36 12.99 1.88
N GLY A 111 17.18 12.44 0.99
CA GLY A 111 18.55 12.12 1.35
C GLY A 111 19.39 13.34 1.70
N PHE A 112 19.14 14.45 1.02
CA PHE A 112 19.87 15.69 1.27
C PHE A 112 19.11 16.64 2.18
N SER A 113 18.05 16.17 2.84
CA SER A 113 17.28 17.04 3.72
C SER A 113 18.03 17.33 5.02
N LYS A 114 18.91 16.43 5.45
CA LYS A 114 19.68 16.69 6.65
C LYS A 114 20.77 17.73 6.39
N LEU A 115 21.59 17.50 5.36
CA LEU A 115 22.59 18.50 4.99
C LEU A 115 21.94 19.85 4.72
N GLY A 116 20.77 19.84 4.07
CA GLY A 116 20.02 21.07 3.86
C GLY A 116 19.35 21.62 5.09
N LYS A 117 19.34 20.86 6.19
CA LYS A 117 18.70 21.26 7.44
C LYS A 117 17.29 21.79 7.17
N SER A 118 16.48 20.92 6.58
CA SER A 118 15.13 21.31 6.14
C SER A 118 14.21 20.11 6.27
N PHE A 119 13.27 20.20 7.22
CA PHE A 119 12.19 19.22 7.28
C PHE A 119 11.19 19.41 6.16
N GLU A 120 11.21 20.58 5.50
CA GLU A 120 10.36 20.79 4.33
C GLU A 120 10.76 19.84 3.20
N MET A 121 12.06 19.79 2.90
CA MET A 121 12.56 18.87 1.88
C MET A 121 12.12 17.44 2.15
N LEU A 122 12.23 17.00 3.40
CA LEU A 122 11.78 15.66 3.76
C LEU A 122 10.27 15.51 3.53
N ILE A 123 9.51 16.51 3.97
CA ILE A 123 8.05 16.49 3.74
C ILE A 123 7.74 16.50 2.25
N LEU A 124 8.41 17.39 1.51
CA LEU A 124 8.13 17.50 0.08
C LEU A 124 8.53 16.23 -0.66
N GLY A 125 9.68 15.65 -0.32
CA GLY A 125 10.05 14.37 -0.90
C GLY A 125 9.05 13.29 -0.56
N ARG A 126 8.61 13.23 0.70
CA ARG A 126 7.59 12.27 1.11
C ARG A 126 6.34 12.40 0.26
N PHE A 127 5.92 13.64 -0.03
CA PHE A 127 4.74 13.84 -0.86
C PHE A 127 4.95 13.27 -2.26
N ILE A 128 6.09 13.58 -2.89
CA ILE A 128 6.31 13.18 -4.28
C ILE A 128 6.32 11.66 -4.39
N ILE A 129 7.19 11.00 -3.61
CA ILE A 129 7.25 9.54 -3.69
C ILE A 129 5.87 8.94 -3.43
N GLY A 130 5.04 9.62 -2.63
CA GLY A 130 3.66 9.20 -2.50
C GLY A 130 2.92 9.21 -3.83
N VAL A 131 3.16 10.26 -4.63
CA VAL A 131 2.53 10.32 -5.95
C VAL A 131 3.00 9.15 -6.80
N TYR A 132 4.30 8.88 -6.79
CA TYR A 132 4.83 7.72 -7.51
C TYR A 132 4.16 6.44 -7.03
N CYS A 133 3.95 6.31 -5.72
CA CYS A 133 3.36 5.08 -5.18
C CYS A 133 1.89 4.97 -5.56
N GLY A 134 1.19 6.10 -5.61
CA GLY A 134 -0.20 6.07 -6.04
C GLY A 134 -0.36 5.73 -7.51
N LEU A 135 0.61 6.12 -8.33
CA LEU A 135 0.61 5.73 -9.74
C LEU A 135 1.05 4.28 -9.90
N THR A 136 2.00 3.84 -9.08
CA THR A 136 2.54 2.49 -9.21
C THR A 136 1.48 1.43 -8.92
N THR A 137 0.62 1.68 -7.94
CA THR A 137 -0.41 0.70 -7.59
C THR A 137 -1.40 0.47 -8.74
N GLY A 138 -1.33 1.26 -9.80
CA GLY A 138 -2.20 1.08 -10.95
C GLY A 138 -1.45 0.64 -12.19
N PHE A 139 -0.16 0.96 -12.25
CA PHE A 139 0.67 0.51 -13.36
C PHE A 139 0.96 -0.98 -13.26
N VAL A 140 1.45 -1.43 -12.11
CA VAL A 140 1.99 -2.77 -11.96
C VAL A 140 0.89 -3.81 -12.11
N PRO A 141 -0.24 -3.68 -11.42
CA PRO A 141 -1.31 -4.68 -11.61
C PRO A 141 -1.81 -4.72 -13.05
N MET A 142 -1.92 -3.56 -13.69
CA MET A 142 -2.40 -3.50 -15.07
C MET A 142 -1.38 -4.14 -16.02
N TYR A 143 -0.11 -3.78 -15.87
CA TYR A 143 0.91 -4.27 -16.80
C TYR A 143 1.07 -5.79 -16.69
N VAL A 144 1.15 -6.31 -15.46
CA VAL A 144 1.31 -7.75 -15.29
C VAL A 144 0.08 -8.49 -15.79
N GLY A 145 -1.10 -7.87 -15.72
CA GLY A 145 -2.30 -8.49 -16.25
C GLY A 145 -2.36 -8.46 -17.76
N GLU A 146 -1.84 -7.40 -18.38
CA GLU A 146 -1.82 -7.26 -19.83
C GLU A 146 -0.58 -7.88 -20.48
N VAL A 147 0.01 -8.88 -19.83
CA VAL A 147 1.26 -9.48 -20.30
C VAL A 147 1.26 -10.98 -20.05
N SER A 148 0.63 -11.40 -18.97
CA SER A 148 0.70 -12.79 -18.55
C SER A 148 -0.24 -13.66 -19.38
N PRO A 149 0.13 -14.93 -19.62
CA PRO A 149 -0.84 -15.87 -20.20
C PRO A 149 -2.05 -16.00 -19.28
N THR A 150 -3.22 -16.18 -19.90
CA THR A 150 -4.47 -16.10 -19.16
C THR A 150 -4.48 -17.01 -17.94
N ALA A 151 -3.84 -18.17 -18.03
CA ALA A 151 -3.79 -19.09 -16.89
C ALA A 151 -2.99 -18.47 -15.74
N LEU A 152 -1.74 -18.10 -16.01
CA LEU A 152 -0.87 -17.50 -15.00
C LEU A 152 -1.29 -16.08 -14.62
N ARG A 153 -2.37 -15.56 -15.21
CA ARG A 153 -2.81 -14.21 -14.90
C ARG A 153 -3.21 -14.06 -13.43
N GLY A 154 -3.70 -15.14 -12.82
CA GLY A 154 -4.07 -15.10 -11.41
C GLY A 154 -2.86 -15.17 -10.50
N ALA A 155 -1.97 -16.12 -10.77
CA ALA A 155 -0.79 -16.29 -9.92
C ALA A 155 0.13 -15.08 -10.01
N LEU A 156 0.57 -14.73 -11.23
CA LEU A 156 1.51 -13.64 -11.39
C LEU A 156 0.97 -12.33 -10.82
N GLY A 157 -0.34 -12.11 -10.92
CA GLY A 157 -0.93 -10.92 -10.31
C GLY A 157 -0.72 -10.84 -8.81
N THR A 158 -0.35 -11.96 -8.18
CA THR A 158 -0.09 -11.97 -6.73
C THR A 158 1.08 -11.07 -6.39
N LEU A 159 2.12 -11.06 -7.23
CA LEU A 159 3.39 -10.45 -6.87
C LEU A 159 3.24 -9.00 -6.40
N HIS A 160 2.17 -8.30 -6.81
CA HIS A 160 1.96 -6.95 -6.33
C HIS A 160 1.83 -6.93 -4.81
N GLN A 161 0.98 -7.80 -4.26
CA GLN A 161 0.85 -7.89 -2.81
C GLN A 161 2.19 -8.27 -2.18
N LEU A 162 2.86 -9.28 -2.73
CA LEU A 162 4.11 -9.74 -2.14
C LEU A 162 5.15 -8.62 -2.12
N GLY A 163 5.34 -7.95 -3.27
CA GLY A 163 6.27 -6.84 -3.31
C GLY A 163 5.98 -5.80 -2.24
N ILE A 164 4.70 -5.49 -2.03
CA ILE A 164 4.33 -4.52 -1.00
C ILE A 164 4.75 -5.03 0.38
N VAL A 165 4.35 -6.26 0.71
CA VAL A 165 4.61 -6.78 2.05
C VAL A 165 6.10 -7.00 2.26
N VAL A 166 6.77 -7.60 1.28
CA VAL A 166 8.22 -7.76 1.37
C VAL A 166 8.90 -6.41 1.50
N GLY A 167 8.47 -5.44 0.69
CA GLY A 167 9.05 -4.11 0.76
C GLY A 167 8.97 -3.51 2.16
N ILE A 168 7.83 -3.71 2.84
CA ILE A 168 7.70 -3.25 4.22
C ILE A 168 8.75 -3.93 5.10
N LEU A 169 8.93 -5.24 4.92
CA LEU A 169 9.88 -5.97 5.75
C LEU A 169 11.30 -5.43 5.59
N ILE A 170 11.70 -5.14 4.34
CA ILE A 170 13.04 -4.64 4.09
C ILE A 170 13.25 -3.29 4.77
N ALA A 171 12.26 -2.41 4.68
CA ALA A 171 12.38 -1.10 5.31
C ALA A 171 12.55 -1.23 6.82
N GLN A 172 11.84 -2.18 7.43
CA GLN A 172 11.93 -2.35 8.87
C GLN A 172 13.28 -2.94 9.28
N VAL A 173 13.83 -3.84 8.47
CA VAL A 173 15.17 -4.36 8.75
C VAL A 173 16.20 -3.25 8.66
N PHE A 174 16.24 -2.54 7.52
CA PHE A 174 17.20 -1.46 7.34
C PHE A 174 17.03 -0.36 8.38
N GLY A 175 15.90 -0.35 9.11
CA GLY A 175 15.64 0.64 10.13
C GLY A 175 16.29 0.37 11.47
N LEU A 176 17.16 -0.62 11.56
CA LEU A 176 17.82 -0.95 12.82
C LEU A 176 18.95 0.04 13.11
N ASP A 177 19.30 0.14 14.39
CA ASP A 177 20.46 0.92 14.78
C ASP A 177 21.73 0.37 14.14
N SER A 178 21.74 -0.93 13.82
CA SER A 178 22.94 -1.55 13.28
C SER A 178 23.20 -1.11 11.84
N ILE A 179 22.13 -0.95 11.06
CA ILE A 179 22.27 -0.66 9.63
C ILE A 179 22.15 0.83 9.37
N MET A 180 20.92 1.31 9.13
CA MET A 180 20.70 2.69 8.73
C MET A 180 19.70 3.44 9.59
N GLY A 181 19.11 2.79 10.59
CA GLY A 181 18.16 3.46 11.45
C GLY A 181 18.81 4.17 12.62
N ASN A 182 19.79 5.02 12.34
CA ASN A 182 20.52 5.73 13.38
C ASN A 182 20.71 7.18 12.93
N LYS A 183 21.48 7.93 13.73
CA LYS A 183 21.60 9.37 13.53
C LYS A 183 22.39 9.71 12.27
N ASP A 184 23.33 8.84 11.88
CA ASP A 184 24.22 9.16 10.77
C ASP A 184 23.67 8.76 9.41
N LEU A 185 22.80 7.74 9.35
CA LEU A 185 22.45 7.10 8.09
C LEU A 185 20.96 7.11 7.78
N TRP A 186 20.13 7.84 8.52
CA TRP A 186 18.71 7.84 8.21
C TRP A 186 18.44 8.59 6.91
N PRO A 187 19.27 9.57 6.50
CA PRO A 187 19.08 10.12 5.15
C PRO A 187 19.33 9.10 4.06
N LEU A 188 20.30 8.19 4.27
CA LEU A 188 20.52 7.11 3.33
C LEU A 188 19.42 6.05 3.42
N LEU A 189 18.75 5.96 4.57
CA LEU A 189 17.65 5.02 4.72
C LEU A 189 16.48 5.39 3.81
N LEU A 190 16.14 6.69 3.75
CA LEU A 190 15.05 7.13 2.89
C LEU A 190 15.47 7.22 1.43
N SER A 191 16.76 7.42 1.17
CA SER A 191 17.25 7.62 -0.19
C SER A 191 17.52 6.32 -0.93
N ILE A 192 17.75 5.22 -0.22
CA ILE A 192 18.16 3.97 -0.84
C ILE A 192 17.18 3.55 -1.94
N ILE A 193 16.00 4.15 -1.97
CA ILE A 193 15.01 3.87 -3.01
C ILE A 193 15.57 4.10 -4.40
N PHE A 194 16.65 4.89 -4.53
CA PHE A 194 17.18 5.17 -5.85
C PHE A 194 17.77 3.92 -6.50
N ILE A 195 18.22 2.96 -5.70
CA ILE A 195 18.77 1.72 -6.25
C ILE A 195 17.66 0.95 -6.98
N PRO A 196 16.53 0.62 -6.33
CA PRO A 196 15.41 0.05 -7.09
C PRO A 196 15.05 0.84 -8.34
N ALA A 197 14.97 2.17 -8.23
CA ALA A 197 14.60 2.98 -9.39
C ALA A 197 15.62 2.82 -10.51
N LEU A 198 16.91 2.88 -10.16
CA LEU A 198 17.94 2.70 -11.17
C LEU A 198 17.84 1.31 -11.81
N LEU A 199 17.59 0.28 -11.00
CA LEU A 199 17.47 -1.07 -11.53
C LEU A 199 16.29 -1.18 -12.48
N GLN A 200 15.22 -0.42 -12.23
CA GLN A 200 14.06 -0.44 -13.12
C GLN A 200 14.29 0.39 -14.38
N CYS A 201 15.24 1.33 -14.35
CA CYS A 201 15.57 2.09 -15.55
C CYS A 201 16.45 1.27 -16.48
N ILE A 202 17.35 0.45 -15.91
CA ILE A 202 18.18 -0.44 -16.72
C ILE A 202 17.32 -1.54 -17.35
N VAL A 203 16.41 -2.13 -16.56
CA VAL A 203 15.64 -3.27 -17.03
C VAL A 203 14.60 -2.85 -18.07
N LEU A 204 13.65 -2.01 -17.65
CA LEU A 204 12.41 -1.80 -18.41
C LEU A 204 12.61 -1.57 -19.90
N PRO A 205 13.57 -0.75 -20.36
CA PRO A 205 13.69 -0.49 -21.80
C PRO A 205 13.83 -1.76 -22.62
N PHE A 206 14.29 -2.84 -21.97
CA PHE A 206 14.38 -4.14 -22.61
C PHE A 206 13.08 -4.93 -22.54
N CYS A 207 12.15 -4.52 -21.68
CA CYS A 207 10.90 -5.25 -21.53
C CYS A 207 9.92 -4.90 -22.64
N PRO A 208 8.92 -5.74 -22.88
CA PRO A 208 7.98 -5.49 -23.97
C PRO A 208 6.88 -4.51 -23.56
N GLU A 209 6.35 -3.82 -24.57
CA GLU A 209 5.16 -3.01 -24.38
C GLU A 209 3.94 -3.91 -24.31
N SER A 210 2.95 -3.48 -23.53
CA SER A 210 1.73 -4.26 -23.36
C SER A 210 1.10 -4.57 -24.70
N PRO A 211 0.98 -5.85 -25.10
CA PRO A 211 0.29 -6.13 -26.38
C PRO A 211 -1.07 -5.48 -26.50
N ARG A 212 -1.86 -5.52 -25.43
CA ARG A 212 -3.17 -4.87 -25.46
C ARG A 212 -3.03 -3.38 -25.78
N PHE A 213 -2.02 -2.72 -25.21
CA PHE A 213 -1.78 -1.33 -25.55
C PHE A 213 -1.46 -1.16 -27.02
N LEU A 214 -0.61 -2.02 -27.56
CA LEU A 214 -0.29 -1.99 -28.98
C LEU A 214 -1.53 -2.29 -29.83
N LEU A 215 -2.32 -3.28 -29.41
CA LEU A 215 -3.43 -3.75 -30.23
C LEU A 215 -4.58 -2.75 -30.23
N ILE A 216 -5.12 -2.44 -29.04
CA ILE A 216 -6.28 -1.57 -28.92
C ILE A 216 -5.86 -0.11 -28.92
N ASN A 217 -5.13 0.30 -27.88
CA ASN A 217 -4.80 1.71 -27.71
C ASN A 217 -3.97 2.28 -28.86
N ARG A 218 -3.31 1.42 -29.65
CA ARG A 218 -2.40 1.88 -30.69
C ARG A 218 -2.68 1.31 -32.06
N ASN A 219 -3.62 0.37 -32.20
CA ASN A 219 -3.99 -0.21 -33.49
C ASN A 219 -2.86 -0.99 -34.13
N GLU A 220 -1.80 -1.30 -33.38
CA GLU A 220 -0.64 -2.01 -33.91
C GLU A 220 -0.91 -3.52 -33.86
N GLU A 221 -1.83 -3.95 -34.72
CA GLU A 221 -2.27 -5.35 -34.68
C GLU A 221 -1.11 -6.30 -34.93
N ASN A 222 -0.24 -5.98 -35.88
CA ASN A 222 0.86 -6.87 -36.24
C ASN A 222 2.11 -6.62 -35.41
N ARG A 223 2.34 -5.38 -34.96
CA ARG A 223 3.41 -5.14 -33.99
C ARG A 223 3.09 -5.80 -32.66
N ALA A 224 1.82 -6.04 -32.36
CA ALA A 224 1.43 -6.77 -31.16
C ALA A 224 1.71 -8.27 -31.29
N LYS A 225 1.67 -8.80 -32.52
CA LYS A 225 2.12 -10.17 -32.75
C LYS A 225 3.55 -10.36 -32.25
N SER A 226 4.44 -9.44 -32.60
CA SER A 226 5.87 -9.60 -32.31
C SER A 226 6.10 -9.76 -30.81
N VAL A 227 5.40 -8.97 -29.99
CA VAL A 227 5.55 -9.08 -28.54
C VAL A 227 5.12 -10.46 -28.06
N LEU A 228 3.92 -10.88 -28.47
CA LEU A 228 3.33 -12.10 -27.93
C LEU A 228 4.18 -13.32 -28.20
N LYS A 229 4.85 -13.38 -29.35
CA LYS A 229 5.65 -14.56 -29.68
C LYS A 229 6.94 -14.59 -28.87
N LYS A 230 7.66 -13.47 -28.79
CA LYS A 230 8.83 -13.39 -27.92
C LYS A 230 8.44 -13.48 -26.45
N LEU A 231 7.25 -13.01 -26.11
CA LEU A 231 6.79 -12.95 -24.73
C LEU A 231 6.14 -14.26 -24.30
N ARG A 232 5.06 -14.65 -24.97
CA ARG A 232 4.42 -15.93 -24.70
C ARG A 232 5.32 -17.11 -25.02
N GLY A 233 6.41 -16.89 -25.76
CA GLY A 233 7.38 -17.95 -26.01
C GLY A 233 7.03 -18.84 -27.18
N THR A 234 5.74 -19.14 -27.34
CA THR A 234 5.30 -20.06 -28.39
C THR A 234 5.62 -19.51 -29.78
N ALA A 235 5.28 -20.27 -30.83
CA ALA A 235 5.53 -19.83 -32.19
C ALA A 235 4.53 -18.75 -32.61
N ASP A 236 3.25 -19.10 -32.69
CA ASP A 236 2.18 -18.18 -33.03
C ASP A 236 1.16 -18.15 -31.91
N VAL A 237 0.25 -17.16 -31.98
CA VAL A 237 -0.56 -16.79 -30.83
C VAL A 237 -1.98 -16.41 -31.26
N THR A 238 -2.52 -17.09 -32.27
CA THR A 238 -3.88 -16.80 -32.71
C THR A 238 -4.91 -17.13 -31.65
N HIS A 239 -4.57 -17.90 -30.61
CA HIS A 239 -5.45 -18.06 -29.48
C HIS A 239 -5.43 -16.83 -28.58
N ASP A 240 -4.23 -16.39 -28.19
CA ASP A 240 -4.11 -15.22 -27.32
C ASP A 240 -4.67 -13.98 -28.00
N LEU A 241 -4.32 -13.76 -29.26
CA LEU A 241 -4.71 -12.52 -29.95
C LEU A 241 -6.22 -12.37 -29.99
N GLN A 242 -6.93 -13.45 -30.36
CA GLN A 242 -8.38 -13.39 -30.41
C GLN A 242 -9.00 -13.21 -29.03
N GLU A 243 -8.34 -13.74 -27.98
CA GLU A 243 -8.86 -13.57 -26.63
C GLU A 243 -8.92 -12.10 -26.25
N MET A 244 -7.91 -11.33 -26.63
CA MET A 244 -7.91 -9.89 -26.35
C MET A 244 -9.01 -9.19 -27.15
N LYS A 245 -9.25 -9.62 -28.39
CA LYS A 245 -10.29 -9.02 -29.21
C LYS A 245 -11.70 -9.42 -28.77
N GLU A 246 -11.83 -10.40 -27.88
CA GLU A 246 -13.13 -10.69 -27.29
C GLU A 246 -13.40 -9.79 -26.08
N GLU A 247 -12.38 -9.57 -25.24
CA GLU A 247 -12.54 -8.64 -24.13
C GLU A 247 -12.73 -7.21 -24.64
N SER A 248 -11.96 -6.80 -25.64
CA SER A 248 -12.12 -5.46 -26.21
C SER A 248 -13.55 -5.24 -26.68
N ARG A 249 -14.16 -6.27 -27.27
CA ARG A 249 -15.57 -6.17 -27.65
C ARG A 249 -16.45 -6.10 -26.42
N GLN A 250 -16.29 -7.05 -25.50
CA GLN A 250 -17.10 -7.06 -24.28
C GLN A 250 -16.91 -5.79 -23.47
N MET A 251 -15.70 -5.23 -23.46
CA MET A 251 -15.45 -4.01 -22.69
C MET A 251 -16.03 -2.78 -23.38
N MET A 252 -16.02 -2.74 -24.71
CA MET A 252 -16.57 -1.61 -25.45
C MET A 252 -18.08 -1.70 -25.64
N ARG A 253 -18.72 -2.75 -25.11
CA ARG A 253 -20.17 -2.86 -25.19
C ARG A 253 -20.84 -1.76 -24.37
N GLU A 254 -20.94 -1.97 -23.06
CA GLU A 254 -21.57 -1.00 -22.18
C GLU A 254 -20.67 0.21 -21.99
N LYS A 255 -21.23 1.40 -22.25
CA LYS A 255 -20.49 2.64 -22.09
C LYS A 255 -19.90 2.74 -20.69
N LYS A 256 -18.60 3.00 -20.63
CA LYS A 256 -17.96 3.28 -19.35
C LYS A 256 -18.68 4.42 -18.64
N VAL A 257 -19.19 4.14 -17.44
CA VAL A 257 -19.79 5.20 -16.64
C VAL A 257 -18.68 6.01 -15.99
N THR A 258 -18.98 7.26 -15.68
CA THR A 258 -18.03 8.14 -15.04
C THR A 258 -18.25 8.13 -13.53
N ILE A 259 -17.31 8.72 -12.80
CA ILE A 259 -17.46 8.87 -11.35
C ILE A 259 -18.75 9.62 -11.05
N LEU A 260 -19.06 10.64 -11.84
CA LEU A 260 -20.26 11.45 -11.60
C LEU A 260 -21.52 10.62 -11.79
N GLU A 261 -21.60 9.87 -12.88
CA GLU A 261 -22.77 9.03 -13.12
C GLU A 261 -22.91 7.91 -12.09
N LEU A 262 -21.82 7.56 -11.41
CA LEU A 262 -21.89 6.50 -10.40
C LEU A 262 -22.65 6.97 -9.16
N PHE A 263 -22.43 8.21 -8.75
CA PHE A 263 -23.12 8.75 -7.58
C PHE A 263 -24.59 9.04 -7.87
N ARG A 264 -24.90 9.46 -9.10
CA ARG A 264 -26.23 9.98 -9.40
C ARG A 264 -27.24 8.88 -9.67
N SER A 265 -26.81 7.74 -10.20
CA SER A 265 -27.73 6.65 -10.47
C SER A 265 -28.08 5.92 -9.18
N PRO A 266 -29.34 5.89 -8.77
CA PRO A 266 -29.70 5.08 -7.59
C PRO A 266 -29.49 3.59 -7.79
N ALA A 267 -29.21 3.14 -9.02
CA ALA A 267 -28.89 1.75 -9.26
C ALA A 267 -27.55 1.36 -8.65
N TYR A 268 -26.63 2.33 -8.52
CA TYR A 268 -25.27 2.07 -8.07
C TYR A 268 -25.01 2.49 -6.63
N ARG A 269 -25.93 3.20 -6.00
CA ARG A 269 -25.62 3.84 -4.72
C ARG A 269 -25.52 2.84 -3.57
N GLN A 270 -26.08 1.63 -3.73
CA GLN A 270 -25.92 0.62 -2.69
C GLN A 270 -24.59 -0.11 -2.84
N PRO A 271 -24.25 -0.63 -4.01
CA PRO A 271 -22.94 -1.31 -4.14
C PRO A 271 -21.75 -0.38 -3.92
N ILE A 272 -21.86 0.88 -4.35
CA ILE A 272 -20.76 1.82 -4.13
C ILE A 272 -20.58 2.06 -2.63
N LEU A 273 -21.69 2.17 -1.90
CA LEU A 273 -21.60 2.32 -0.44
C LEU A 273 -20.89 1.12 0.18
N ILE A 274 -21.18 -0.08 -0.33
CA ILE A 274 -20.50 -1.27 0.16
C ILE A 274 -19.00 -1.19 -0.13
N ALA A 275 -18.64 -0.64 -1.29
CA ALA A 275 -17.23 -0.52 -1.65
C ALA A 275 -16.51 0.43 -0.71
N VAL A 276 -16.95 1.69 -0.67
CA VAL A 276 -16.28 2.70 0.17
C VAL A 276 -16.10 2.19 1.59
N VAL A 277 -17.14 1.55 2.14
CA VAL A 277 -17.06 1.06 3.52
C VAL A 277 -15.97 0.00 3.64
N LEU A 278 -16.00 -1.00 2.76
CA LEU A 278 -14.96 -2.03 2.76
C LEU A 278 -13.57 -1.41 2.70
N GLN A 279 -13.44 -0.28 2.02
CA GLN A 279 -12.16 0.43 1.99
C GLN A 279 -11.88 1.10 3.33
N LEU A 280 -12.86 1.81 3.87
CA LEU A 280 -12.72 2.38 5.21
C LEU A 280 -12.42 1.28 6.23
N SER A 281 -13.06 0.12 6.08
CA SER A 281 -12.83 -0.99 7.00
C SER A 281 -11.40 -1.49 6.93
N GLN A 282 -10.68 -1.21 5.84
CA GLN A 282 -9.29 -1.62 5.73
C GLN A 282 -8.36 -0.65 6.45
N GLN A 283 -8.57 0.66 6.25
CA GLN A 283 -7.65 1.66 6.78
C GLN A 283 -7.98 2.09 8.20
N LEU A 284 -9.27 2.26 8.52
CA LEU A 284 -9.66 2.67 9.86
C LEU A 284 -9.59 1.53 10.87
N SER A 285 -9.50 0.28 10.41
CA SER A 285 -9.20 -0.82 11.33
C SER A 285 -7.93 -0.54 12.11
N GLY A 286 -6.90 -0.02 11.44
CA GLY A 286 -5.73 0.49 12.12
C GLY A 286 -4.49 -0.36 11.98
N ILE A 287 -4.24 -0.88 10.77
CA ILE A 287 -2.99 -1.59 10.54
C ILE A 287 -1.86 -0.60 10.30
N ASN A 288 -2.12 0.45 9.53
CA ASN A 288 -1.11 1.49 9.37
C ASN A 288 -0.83 2.23 10.67
N ALA A 289 -1.61 1.95 11.72
CA ALA A 289 -1.20 2.35 13.06
C ALA A 289 0.04 1.59 13.49
N VAL A 290 0.14 0.32 13.11
CA VAL A 290 1.33 -0.45 13.44
C VAL A 290 2.40 -0.25 12.38
N PHE A 291 2.03 -0.32 11.11
CA PHE A 291 3.02 -0.24 10.05
C PHE A 291 3.62 1.15 9.89
N TYR A 292 3.08 2.15 10.58
CA TYR A 292 3.73 3.45 10.69
C TYR A 292 4.38 3.67 12.05
N TYR A 293 3.72 3.23 13.14
CA TYR A 293 4.14 3.53 14.50
C TYR A 293 4.40 2.30 15.35
N SER A 294 4.54 1.12 14.74
CA SER A 294 4.84 -0.09 15.51
C SER A 294 6.00 0.15 16.47
N THR A 295 7.15 0.56 15.95
CA THR A 295 8.32 0.75 16.79
C THR A 295 8.01 1.69 17.96
N SER A 296 7.24 2.74 17.70
CA SER A 296 6.88 3.66 18.78
C SER A 296 5.95 2.99 19.79
N ILE A 297 4.95 2.25 19.31
CA ILE A 297 3.99 1.61 20.20
C ILE A 297 4.70 0.63 21.13
N PHE A 298 5.48 -0.29 20.56
CA PHE A 298 6.20 -1.26 21.37
C PHE A 298 7.02 -0.59 22.46
N GLU A 299 7.70 0.50 22.12
CA GLU A 299 8.48 1.23 23.12
C GLU A 299 7.58 1.72 24.26
N LYS A 300 6.46 2.36 23.92
CA LYS A 300 5.55 2.85 24.94
C LYS A 300 5.09 1.72 25.86
N ALA A 301 4.81 0.55 25.29
CA ALA A 301 4.48 -0.62 26.10
C ALA A 301 5.61 -0.90 27.10
N GLY A 302 6.81 -1.12 26.60
CA GLY A 302 7.95 -1.43 27.44
C GLY A 302 8.74 -2.61 26.90
N VAL A 303 8.97 -2.61 25.59
CA VAL A 303 9.63 -3.71 24.91
C VAL A 303 11.10 -3.37 24.71
N GLN A 304 11.99 -4.25 25.15
CA GLN A 304 13.39 -4.16 24.77
C GLN A 304 13.53 -4.50 23.29
N GLN A 305 14.38 -3.76 22.59
CA GLN A 305 14.58 -4.00 21.17
C GLN A 305 13.24 -3.88 20.43
N PRO A 306 12.55 -2.74 20.55
CA PRO A 306 11.22 -2.64 19.93
C PRO A 306 11.26 -2.75 18.41
N VAL A 307 12.28 -2.18 17.78
CA VAL A 307 12.40 -2.27 16.32
C VAL A 307 12.35 -3.72 15.86
N TYR A 308 12.97 -4.62 16.63
CA TYR A 308 12.90 -6.04 16.26
C TYR A 308 11.47 -6.55 16.29
N ALA A 309 10.66 -6.07 17.25
CA ALA A 309 9.26 -6.44 17.26
C ALA A 309 8.53 -5.86 16.06
N THR A 310 8.96 -4.71 15.56
CA THR A 310 8.42 -4.20 14.30
C THR A 310 8.83 -5.08 13.13
N ILE A 311 10.11 -5.48 13.10
CA ILE A 311 10.54 -6.49 12.13
C ILE A 311 9.72 -7.76 12.32
N GLY A 312 9.30 -8.04 13.55
CA GLY A 312 8.43 -9.18 13.81
C GLY A 312 7.11 -9.05 13.08
N SER A 313 6.40 -7.95 13.32
CA SER A 313 5.14 -7.73 12.62
C SER A 313 5.31 -7.80 11.11
N GLY A 314 6.46 -7.32 10.61
CA GLY A 314 6.72 -7.40 9.18
C GLY A 314 6.84 -8.84 8.69
N ILE A 315 7.55 -9.67 9.44
CA ILE A 315 7.69 -11.08 9.08
C ILE A 315 6.34 -11.78 9.14
N VAL A 316 5.58 -11.55 10.22
CA VAL A 316 4.25 -12.13 10.32
C VAL A 316 3.40 -11.72 9.13
N ASN A 317 3.49 -10.44 8.73
CA ASN A 317 2.69 -9.96 7.61
C ASN A 317 3.01 -10.71 6.33
N THR A 318 4.29 -10.91 6.05
CA THR A 318 4.69 -11.64 4.86
C THR A 318 4.22 -13.09 4.91
N ALA A 319 4.33 -13.73 6.08
CA ALA A 319 3.92 -15.12 6.20
C ALA A 319 2.43 -15.29 5.96
N PHE A 320 1.62 -14.43 6.56
CA PHE A 320 0.17 -14.52 6.42
C PHE A 320 -0.34 -13.98 5.09
N THR A 321 0.51 -13.34 4.29
CA THR A 321 0.12 -12.97 2.93
C THR A 321 0.30 -14.17 2.00
N VAL A 322 1.40 -14.90 2.13
CA VAL A 322 1.57 -16.15 1.39
C VAL A 322 0.47 -17.13 1.75
N VAL A 323 0.02 -17.11 3.01
CA VAL A 323 -1.06 -17.99 3.44
C VAL A 323 -2.38 -17.56 2.82
N SER A 324 -2.71 -16.27 2.92
CA SER A 324 -3.99 -15.76 2.44
C SER A 324 -4.29 -16.20 1.01
N LEU A 325 -3.25 -16.32 0.18
CA LEU A 325 -3.46 -16.73 -1.21
C LEU A 325 -4.10 -18.11 -1.30
N PHE A 326 -3.64 -19.05 -0.47
CA PHE A 326 -4.15 -20.41 -0.48
C PHE A 326 -5.51 -20.55 0.21
N VAL A 327 -6.04 -19.46 0.77
CA VAL A 327 -7.28 -19.50 1.54
C VAL A 327 -8.41 -18.79 0.80
N VAL A 328 -8.15 -17.57 0.31
CA VAL A 328 -9.20 -16.80 -0.36
C VAL A 328 -9.90 -17.64 -1.41
N GLU A 329 -9.15 -18.48 -2.12
CA GLU A 329 -9.74 -19.27 -3.20
C GLU A 329 -10.57 -20.42 -2.64
N ARG A 330 -10.12 -21.04 -1.55
CA ARG A 330 -10.77 -22.21 -0.98
C ARG A 330 -11.67 -21.83 0.20
N ALA A 331 -12.43 -20.74 0.08
CA ALA A 331 -13.37 -20.34 1.12
C ALA A 331 -14.17 -19.15 0.62
N GLY A 332 -15.17 -18.76 1.40
CA GLY A 332 -16.05 -17.68 1.03
C GLY A 332 -15.52 -16.31 1.43
N ARG A 333 -15.98 -15.29 0.71
CA ARG A 333 -15.47 -13.93 0.95
C ARG A 333 -16.17 -13.28 2.15
N ARG A 334 -17.47 -13.51 2.32
CA ARG A 334 -18.19 -12.90 3.42
C ARG A 334 -17.68 -13.39 4.77
N THR A 335 -17.32 -14.67 4.84
CA THR A 335 -16.82 -15.23 6.10
C THR A 335 -15.45 -14.66 6.45
N LEU A 336 -14.53 -14.65 5.47
CA LEU A 336 -13.15 -14.25 5.76
C LEU A 336 -13.08 -12.81 6.25
N HIS A 337 -13.89 -11.92 5.69
CA HIS A 337 -13.83 -10.52 6.11
C HIS A 337 -14.34 -10.35 7.53
N LEU A 338 -15.25 -11.23 7.97
CA LEU A 338 -15.71 -11.19 9.36
C LEU A 338 -14.73 -11.88 10.29
N ILE A 339 -14.19 -13.03 9.86
CA ILE A 339 -13.14 -13.70 10.64
C ILE A 339 -12.00 -12.73 10.94
N GLY A 340 -11.55 -12.00 9.90
CA GLY A 340 -10.48 -11.04 10.11
C GLY A 340 -10.92 -9.85 10.94
N LEU A 341 -12.09 -9.29 10.62
CA LEU A 341 -12.59 -8.16 11.38
C LEU A 341 -12.76 -8.49 12.86
N ALA A 342 -13.07 -9.76 13.18
CA ALA A 342 -13.26 -10.15 14.57
C ALA A 342 -11.92 -10.38 15.25
N GLY A 343 -11.05 -11.19 14.65
CA GLY A 343 -9.74 -11.43 15.22
C GLY A 343 -8.97 -10.14 15.48
N MET A 344 -9.16 -9.14 14.61
CA MET A 344 -8.53 -7.84 14.84
C MET A 344 -9.13 -7.15 16.06
N ALA A 345 -10.46 -7.13 16.17
CA ALA A 345 -11.10 -6.56 17.35
C ALA A 345 -10.64 -7.27 18.62
N GLY A 346 -10.45 -8.59 18.54
CA GLY A 346 -9.95 -9.31 19.69
C GLY A 346 -8.53 -8.91 20.06
N CYS A 347 -7.64 -8.88 19.07
CA CYS A 347 -6.25 -8.47 19.32
C CYS A 347 -6.20 -7.03 19.82
N ALA A 348 -7.05 -6.16 19.28
CA ALA A 348 -7.13 -4.80 19.79
C ALA A 348 -7.57 -4.79 21.25
N ILE A 349 -8.40 -5.76 21.64
CA ILE A 349 -8.74 -5.94 23.05
C ILE A 349 -7.53 -6.50 23.80
N LEU A 350 -6.88 -7.51 23.23
CA LEU A 350 -5.66 -8.05 23.81
C LEU A 350 -4.64 -6.94 24.07
N MET A 351 -4.45 -6.06 23.08
CA MET A 351 -3.55 -4.92 23.24
C MET A 351 -3.90 -4.11 24.48
N THR A 352 -5.15 -3.63 24.54
CA THR A 352 -5.55 -2.72 25.62
C THR A 352 -5.25 -3.32 27.00
N ILE A 353 -5.47 -4.62 27.16
CA ILE A 353 -5.17 -5.26 28.44
C ILE A 353 -3.68 -5.17 28.73
N ALA A 354 -2.85 -5.63 27.79
CA ALA A 354 -1.41 -5.60 27.99
C ALA A 354 -0.88 -4.17 28.13
N LEU A 355 -1.66 -3.17 27.72
CA LEU A 355 -1.23 -1.78 27.85
C LEU A 355 -1.69 -1.14 29.15
N ALA A 356 -2.67 -1.73 29.83
CA ALA A 356 -3.09 -1.22 31.13
C ALA A 356 -2.39 -1.97 32.27
N LEU A 357 -2.38 -3.29 32.20
CA LEU A 357 -1.73 -4.11 33.22
C LEU A 357 -0.21 -4.08 33.13
N LEU A 358 0.39 -3.28 32.25
CA LEU A 358 1.84 -3.23 32.14
C LEU A 358 2.45 -2.35 33.22
N GLU A 359 1.77 -1.26 33.58
CA GLU A 359 2.21 -0.43 34.69
C GLU A 359 2.32 -1.23 35.98
N GLN A 360 1.58 -2.34 36.09
CA GLN A 360 1.64 -3.24 37.22
C GLN A 360 2.46 -4.49 36.92
N LEU A 361 2.14 -5.16 35.81
CA LEU A 361 2.79 -6.41 35.44
C LEU A 361 3.87 -6.13 34.39
N PRO A 362 5.27 -6.08 34.80
CA PRO A 362 6.32 -5.81 33.80
C PRO A 362 6.70 -7.06 33.00
N TRP A 363 5.82 -7.39 32.04
CA TRP A 363 6.00 -8.55 31.18
C TRP A 363 4.87 -8.63 30.16
N MET A 364 3.76 -7.92 30.41
CA MET A 364 2.69 -7.83 29.43
C MET A 364 3.17 -7.26 28.10
N SER A 365 4.29 -6.55 28.09
CA SER A 365 4.90 -6.14 26.83
C SER A 365 5.17 -7.32 25.93
N TYR A 366 5.26 -8.53 26.49
CA TYR A 366 5.27 -9.73 25.66
C TYR A 366 3.90 -10.00 25.06
N LEU A 367 2.84 -9.77 25.84
CA LEU A 367 1.50 -9.96 25.31
C LEU A 367 1.18 -8.94 24.22
N SER A 368 1.66 -7.71 24.38
CA SER A 368 1.46 -6.70 23.35
C SER A 368 2.08 -7.13 22.03
N ILE A 369 3.22 -7.83 22.08
CA ILE A 369 3.83 -8.35 20.86
C ILE A 369 2.91 -9.37 20.20
N VAL A 370 2.39 -10.32 20.98
CA VAL A 370 1.46 -11.30 20.45
C VAL A 370 0.19 -10.60 19.97
N ALA A 371 -0.24 -9.57 20.67
CA ALA A 371 -1.46 -8.84 20.29
C ALA A 371 -1.34 -8.31 18.86
N ILE A 372 -0.24 -7.63 18.55
CA ILE A 372 -0.09 -7.04 17.22
C ILE A 372 0.29 -8.11 16.21
N PHE A 373 1.13 -9.07 16.58
CA PHE A 373 1.44 -10.18 15.68
C PHE A 373 0.18 -10.82 15.14
N GLY A 374 -0.81 -11.04 16.02
CA GLY A 374 -2.09 -11.56 15.57
C GLY A 374 -2.99 -10.50 14.98
N PHE A 375 -2.84 -9.24 15.42
CA PHE A 375 -3.63 -8.15 14.89
C PHE A 375 -3.37 -7.97 13.39
N VAL A 376 -2.10 -8.09 12.97
CA VAL A 376 -1.77 -8.00 11.55
C VAL A 376 -2.03 -9.33 10.86
N ALA A 377 -1.79 -10.45 11.55
CA ALA A 377 -2.04 -11.75 10.96
C ALA A 377 -3.50 -11.91 10.55
N PHE A 378 -4.42 -11.39 11.35
CA PHE A 378 -5.84 -11.46 11.00
C PHE A 378 -6.21 -10.44 9.93
N PHE A 379 -5.55 -9.28 9.91
CA PHE A 379 -5.81 -8.31 8.85
C PHE A 379 -5.48 -8.91 7.49
N GLU A 380 -4.37 -9.64 7.38
CA GLU A 380 -3.90 -10.11 6.09
C GLU A 380 -4.79 -11.19 5.48
N VAL A 381 -5.73 -11.75 6.24
CA VAL A 381 -6.69 -12.69 5.71
C VAL A 381 -8.06 -12.06 5.50
N GLY A 382 -8.35 -10.93 6.15
CA GLY A 382 -9.66 -10.33 6.11
C GLY A 382 -9.68 -8.96 5.48
N PRO A 383 -9.67 -7.90 6.29
CA PRO A 383 -9.79 -6.54 5.73
C PRO A 383 -8.73 -6.16 4.72
N GLY A 384 -7.71 -6.99 4.49
CA GLY A 384 -6.66 -6.67 3.55
C GLY A 384 -7.08 -6.85 2.11
N PRO A 385 -7.17 -8.10 1.67
CA PRO A 385 -7.43 -8.35 0.24
C PRO A 385 -8.90 -8.26 -0.15
N ILE A 386 -9.81 -8.63 0.77
CA ILE A 386 -11.22 -8.78 0.40
C ILE A 386 -11.81 -7.49 -0.15
N PRO A 387 -11.59 -6.31 0.45
CA PRO A 387 -12.13 -5.09 -0.14
C PRO A 387 -11.92 -4.98 -1.64
N TRP A 388 -10.87 -5.59 -2.18
CA TRP A 388 -10.63 -5.58 -3.62
C TRP A 388 -11.29 -6.75 -4.33
N PHE A 389 -11.41 -7.90 -3.66
CA PHE A 389 -12.12 -9.04 -4.22
C PHE A 389 -13.63 -8.84 -4.27
N ILE A 390 -14.15 -7.69 -3.82
CA ILE A 390 -15.57 -7.42 -3.83
C ILE A 390 -15.92 -6.28 -4.77
N VAL A 391 -15.12 -5.22 -4.79
CA VAL A 391 -15.40 -4.09 -5.69
C VAL A 391 -15.45 -4.57 -7.13
N ALA A 392 -14.42 -5.32 -7.55
CA ALA A 392 -14.40 -5.84 -8.92
C ALA A 392 -15.57 -6.78 -9.18
N GLU A 393 -16.04 -7.47 -8.14
CA GLU A 393 -17.16 -8.40 -8.28
C GLU A 393 -18.51 -7.75 -8.07
N LEU A 394 -18.55 -6.49 -7.66
CA LEU A 394 -19.81 -5.77 -7.49
C LEU A 394 -20.23 -5.01 -8.74
N PHE A 395 -19.36 -4.88 -9.73
CA PHE A 395 -19.63 -4.05 -10.90
C PHE A 395 -19.26 -4.80 -12.17
N SER A 396 -19.85 -4.35 -13.28
CA SER A 396 -19.50 -4.87 -14.60
C SER A 396 -18.42 -3.98 -15.22
N GLN A 397 -18.01 -4.30 -16.44
CA GLN A 397 -16.90 -3.60 -17.08
C GLN A 397 -17.20 -2.14 -17.36
N GLY A 398 -18.45 -1.72 -17.27
CA GLY A 398 -18.80 -0.33 -17.45
C GLY A 398 -18.44 0.51 -16.24
N PRO A 399 -19.03 0.17 -15.08
CA PRO A 399 -18.78 0.95 -13.87
C PRO A 399 -17.60 0.50 -13.01
N ARG A 400 -16.98 -0.63 -13.28
CA ARG A 400 -15.83 -1.04 -12.49
C ARG A 400 -14.74 0.01 -12.48
N PRO A 401 -14.35 0.63 -13.60
CA PRO A 401 -13.35 1.71 -13.55
C PRO A 401 -13.66 2.79 -12.52
N ALA A 402 -14.77 3.51 -12.70
CA ALA A 402 -15.14 4.58 -11.78
C ALA A 402 -15.23 4.08 -10.34
N ALA A 403 -15.67 2.84 -10.15
CA ALA A 403 -15.70 2.27 -8.81
C ALA A 403 -14.30 2.16 -8.21
N ILE A 404 -13.35 1.63 -8.99
CA ILE A 404 -11.97 1.50 -8.51
C ILE A 404 -11.43 2.86 -8.09
N ALA A 405 -11.60 3.88 -8.94
CA ALA A 405 -11.10 5.20 -8.63
C ALA A 405 -11.67 5.73 -7.32
N VAL A 406 -12.99 5.56 -7.12
CA VAL A 406 -13.62 6.02 -5.89
C VAL A 406 -13.10 5.22 -4.71
N ALA A 407 -13.15 3.89 -4.80
CA ALA A 407 -12.61 3.05 -3.73
C ALA A 407 -11.17 3.44 -3.43
N GLY A 408 -10.39 3.79 -4.45
CA GLY A 408 -9.03 4.23 -4.22
C GLY A 408 -8.96 5.54 -3.46
N PHE A 409 -9.79 6.51 -3.84
CA PHE A 409 -9.86 7.75 -3.09
C PHE A 409 -10.24 7.49 -1.64
N SER A 410 -11.17 6.55 -1.42
CA SER A 410 -11.56 6.20 -0.05
C SER A 410 -10.40 5.59 0.71
N ASN A 411 -9.63 4.72 0.06
CA ASN A 411 -8.51 4.07 0.72
C ASN A 411 -7.45 5.07 1.13
N TRP A 412 -7.05 5.95 0.21
CA TRP A 412 -6.03 6.95 0.53
C TRP A 412 -6.51 7.92 1.60
N THR A 413 -7.79 8.28 1.58
CA THR A 413 -8.31 9.24 2.55
C THR A 413 -8.29 8.64 3.95
N SER A 414 -8.91 7.48 4.14
CA SER A 414 -8.89 6.83 5.45
C SER A 414 -7.47 6.47 5.86
N ASN A 415 -6.58 6.24 4.89
CA ASN A 415 -5.16 6.05 5.22
C ASN A 415 -4.56 7.33 5.74
N PHE A 416 -4.94 8.48 5.17
CA PHE A 416 -4.44 9.77 5.65
C PHE A 416 -4.99 10.10 7.02
N ILE A 417 -6.18 9.58 7.36
CA ILE A 417 -6.79 9.89 8.65
C ILE A 417 -6.03 9.20 9.77
N VAL A 418 -5.70 7.92 9.60
CA VAL A 418 -4.95 7.19 10.62
C VAL A 418 -3.54 7.76 10.76
N GLY A 419 -2.83 7.86 9.64
CA GLY A 419 -1.43 8.30 9.71
C GLY A 419 -1.27 9.69 10.29
N MET A 420 -2.27 10.55 10.11
CA MET A 420 -2.18 11.93 10.58
C MET A 420 -2.76 12.14 11.96
N CYS A 421 -3.67 11.27 12.41
CA CYS A 421 -4.40 11.48 13.65
C CYS A 421 -4.05 10.50 14.76
N PHE A 422 -3.39 9.38 14.45
CA PHE A 422 -3.17 8.35 15.46
C PHE A 422 -2.40 8.90 16.66
N GLN A 423 -1.31 9.63 16.41
CA GLN A 423 -0.52 10.15 17.52
C GLN A 423 -1.27 11.24 18.29
N TYR A 424 -2.13 12.00 17.62
CA TYR A 424 -2.96 12.97 18.33
C TYR A 424 -4.01 12.28 19.18
N VAL A 425 -4.58 11.19 18.68
CA VAL A 425 -5.51 10.38 19.45
C VAL A 425 -4.81 9.53 20.50
N GLU A 426 -3.48 9.40 20.41
CA GLU A 426 -2.75 8.60 21.39
C GLU A 426 -2.43 9.40 22.65
N GLN A 427 -2.19 10.70 22.51
CA GLN A 427 -1.93 11.55 23.66
C GLN A 427 -3.19 11.84 24.48
N LEU A 428 -4.34 11.32 24.07
CA LEU A 428 -5.59 11.50 24.80
C LEU A 428 -6.14 10.22 25.41
N CYS A 429 -6.07 9.11 24.68
CA CYS A 429 -6.64 7.85 25.14
C CYS A 429 -5.68 7.02 25.97
N GLY A 430 -4.42 7.44 26.10
CA GLY A 430 -3.46 6.68 26.84
C GLY A 430 -3.36 5.24 26.34
N PRO A 431 -3.60 4.26 27.23
CA PRO A 431 -3.58 2.86 26.77
C PRO A 431 -4.93 2.37 26.27
N TYR A 432 -5.80 3.29 25.84
CA TYR A 432 -7.14 2.95 25.37
C TYR A 432 -7.35 3.33 23.91
N VAL A 433 -6.28 3.55 23.16
CA VAL A 433 -6.42 3.91 21.75
C VAL A 433 -7.07 2.77 20.97
N PHE A 434 -6.56 1.54 21.16
CA PHE A 434 -7.06 0.41 20.39
C PHE A 434 -8.53 0.12 20.65
N ILE A 435 -9.11 0.70 21.70
CA ILE A 435 -10.56 0.64 21.86
C ILE A 435 -11.24 1.27 20.65
N ILE A 436 -10.73 2.43 20.22
CA ILE A 436 -11.30 3.09 19.04
C ILE A 436 -11.27 2.16 17.85
N PHE A 437 -10.15 1.48 17.65
CA PHE A 437 -10.08 0.49 16.58
C PHE A 437 -11.00 -0.68 16.86
N THR A 438 -11.12 -1.10 18.12
CA THR A 438 -12.05 -2.16 18.47
C THR A 438 -13.49 -1.74 18.24
N VAL A 439 -13.81 -0.48 18.55
CA VAL A 439 -15.12 0.06 18.21
C VAL A 439 -15.39 -0.09 16.72
N LEU A 440 -14.53 0.52 15.90
CA LEU A 440 -14.72 0.48 14.46
C LEU A 440 -14.72 -0.96 13.95
N LEU A 441 -13.77 -1.77 14.42
CA LEU A 441 -13.73 -3.17 14.02
C LEU A 441 -15.04 -3.88 14.30
N VAL A 442 -15.86 -3.37 15.24
CA VAL A 442 -17.19 -3.93 15.46
C VAL A 442 -18.18 -3.35 14.46
N LEU A 443 -18.24 -2.02 14.36
CA LEU A 443 -19.14 -1.39 13.39
C LEU A 443 -18.98 -2.00 12.01
N PHE A 444 -17.73 -2.16 11.56
CA PHE A 444 -17.48 -2.80 10.27
C PHE A 444 -17.96 -4.24 10.29
N PHE A 445 -17.79 -4.94 11.42
CA PHE A 445 -18.33 -6.29 11.55
C PHE A 445 -19.85 -6.27 11.37
N ILE A 446 -20.53 -5.39 12.10
CA ILE A 446 -21.99 -5.28 11.98
C ILE A 446 -22.37 -5.00 10.53
N PHE A 447 -21.68 -4.05 9.89
CA PHE A 447 -22.07 -3.63 8.55
C PHE A 447 -22.00 -4.79 7.57
N THR A 448 -20.87 -5.49 7.53
CA THR A 448 -20.70 -6.57 6.56
C THR A 448 -21.57 -7.77 6.87
N TYR A 449 -22.02 -7.93 8.11
CA TYR A 449 -22.85 -9.07 8.45
C TYR A 449 -24.23 -8.96 7.80
N PHE A 450 -24.82 -7.76 7.81
CA PHE A 450 -26.16 -7.56 7.29
C PHE A 450 -26.17 -7.01 5.88
N LYS A 451 -25.32 -6.03 5.57
CA LYS A 451 -25.45 -5.22 4.37
C LYS A 451 -24.50 -5.63 3.25
N VAL A 452 -23.61 -6.59 3.48
CA VAL A 452 -22.65 -7.05 2.48
C VAL A 452 -23.14 -8.40 1.95
N PRO A 453 -23.38 -8.54 0.65
CA PRO A 453 -23.72 -9.85 0.09
C PRO A 453 -22.50 -10.64 -0.36
N GLU A 454 -22.58 -11.96 -0.19
CA GLU A 454 -21.51 -12.84 -0.61
C GLU A 454 -21.44 -12.91 -2.14
N THR A 455 -20.23 -13.19 -2.64
CA THR A 455 -20.03 -13.39 -4.06
C THR A 455 -19.09 -14.57 -4.32
C14 5RE B . -4.01 -0.87 -1.09
C10 5RE B . -3.09 -2.47 -2.71
C01 5RE B . -5.53 -2.82 -5.74
C02 5RE B . -5.95 -3.76 -6.69
O03 5RE B . -6.85 -3.38 -7.67
C05 5RE B . -5.47 -5.07 -6.64
C06 5RE B . -4.57 -5.45 -5.65
C07 5RE B . -4.13 -4.52 -4.70
C08 5RE B . -4.62 -3.19 -4.73
C09 5RE B . -4.20 -2.14 -3.74
O11 5RE B . -2.23 -3.27 -2.98
N12 5RE B . -3.04 -1.85 -1.50
C15 5RE B . -3.80 -0.31 0.32
C16 5RE B . -3.03 -1.15 1.31
C17 5RE B . -2.14 -0.51 2.18
C18 5RE B . -1.41 -1.24 3.12
C19 5RE B . -1.58 -2.61 3.20
F20 5RE B . -0.87 -3.32 4.11
C21 5RE B . -2.47 -3.25 2.34
C22 5RE B . -3.20 -2.52 1.41
C23 5RE B . -4.01 0.30 -2.07
O24 5RE B . -2.98 0.63 -2.58
N25 5RE B . -5.19 0.91 -2.32
C27 5RE B . -5.39 2.05 -3.21
C28 5RE B . -4.25 3.01 -3.16
C29 5RE B . -5.60 1.67 -4.67
C30 5RE B . -4.72 0.82 -5.33
C31 5RE B . -4.93 0.49 -6.67
C32 5RE B . -6.02 1.03 -7.35
C33 5RE B . -6.89 1.87 -6.70
C34 5RE B . -6.67 2.19 -5.36
H141 5RE B . -4.89 -1.30 -1.12
H011 5RE B . -5.87 -1.91 -5.77
H04 5RE B . -7.68 -3.55 -7.38
H051 5RE B . -5.77 -5.72 -7.30
H061 5RE B . -4.23 -6.36 -5.62
H071 5RE B . -3.50 -4.78 -4.00
H092 5RE B . -3.90 -1.37 -4.26
H091 5RE B . -5.00 -1.88 -3.25
H13 5RE B . -2.36 -2.07 -0.92
H151 5RE B . -3.33 0.54 0.22
H152 5RE B . -4.67 -0.13 0.69
H171 5RE B . -2.02 0.47 2.12
H181 5RE B . -0.78 -0.78 3.72
H211 5RE B . -2.58 -4.24 2.41
H221 5RE B . -3.82 -2.98 0.80
H26 5RE B . -5.92 0.59 -1.89
H271 5RE B . -6.18 2.51 -2.91
H281 5RE B . -4.49 3.82 -3.67
H282 5RE B . -4.08 3.26 -2.22
H283 5RE B . -3.47 2.60 -3.53
H301 5RE B . -3.95 0.44 -4.86
H311 5RE B . -4.32 -0.10 -7.12
H321 5RE B . -6.17 0.80 -8.31
H331 5RE B . -7.66 2.25 -7.17
H341 5RE B . -7.29 2.80 -4.90
#